data_6VQF
#
_entry.id   6VQF
#
_cell.length_a   61.507
_cell.length_b   61.507
_cell.length_c   157.911
_cell.angle_alpha   90.000
_cell.angle_beta   90.000
_cell.angle_gamma   90.000
#
_symmetry.space_group_name_H-M   'P 41 21 2'
#
loop_
_entity.id
_entity.type
_entity.pdbx_description
1 polymer 'Nuclear receptor ROR-gamma'
2 non-polymer '(1R,3S,4R)-4-[(3aR,9bR)-9b-[(4-fluorophenyl)sulfonyl]-7-(1,1,1,2,3,3,3-heptafluoropropan-2-yl)-1,2,3a,4,5,9b-hexahydro-3H-benzo[e]indole-3-carbonyl]-3-methylcyclohexane-1-carboxylic acid'
3 non-polymer GLYCEROL
4 water water
#
_entity_poly.entity_id   1
_entity_poly.type   'polypeptide(L)'
_entity_poly.pdbx_seq_one_letter_code
;MGSSHHHHHHSSGLVPRGSHMASLTEIEHLVQSVCKSYRETCQLRLEDLLRQRSNIFSREEVTGYQRKSMWEMWERCAHH
LTEAIQYVVEFAKRLSGFMELCQNDQIVLLKAGAMEVVLVRMCRAYNADNRTVFFEGKYGGMELFRALGCSELISSIFDF
SHSLSALHFSEDEIALYTALVLINAHRPGLQEKRKVEQLQYNLELAFHHHLCKTHRQSILAKLPPKGKLRSLCSQHVERL
QIFQHLHPIVVQAAFPPLYKELFSTSGGSGGLTERHKILHRLLQE
;
_entity_poly.pdbx_strand_id   A
#
loop_
_chem_comp.id
_chem_comp.type
_chem_comp.name
_chem_comp.formula
GOL non-polymer GLYCEROL 'C3 H8 O3'
R7V non-polymer '(1R,3S,4R)-4-[(3aR,9bR)-9b-[(4-fluorophenyl)sulfonyl]-7-(1,1,1,2,3,3,3-heptafluoropropan-2-yl)-1,2,3a,4,5,9b-hexahydro-3H-benzo[e]indole-3-carbonyl]-3-methylcyclohexane-1-carboxylic acid' 'C30 H29 F8 N O5 S'
#
# COMPACT_ATOMS: atom_id res chain seq x y z
N ALA A 22 1.20 19.59 -21.34
CA ALA A 22 0.38 20.21 -20.31
C ALA A 22 0.86 21.63 -19.94
N SER A 23 -0.06 22.50 -19.48
CA SER A 23 0.25 23.87 -19.03
C SER A 23 0.40 23.88 -17.47
N LEU A 24 0.65 25.05 -16.84
CA LEU A 24 0.85 25.11 -15.40
C LEU A 24 -0.45 24.96 -14.59
N THR A 25 -1.56 25.56 -15.05
CA THR A 25 -2.84 25.42 -14.37
C THR A 25 -3.35 23.94 -14.45
N GLU A 26 -2.96 23.19 -15.50
CA GLU A 26 -3.29 21.80 -15.69
C GLU A 26 -2.46 20.89 -14.76
N ILE A 27 -1.17 21.22 -14.54
CA ILE A 27 -0.34 20.47 -13.59
C ILE A 27 -0.93 20.65 -12.18
N GLU A 28 -1.25 21.89 -11.79
CA GLU A 28 -1.83 22.17 -10.49
C GLU A 28 -3.20 21.56 -10.31
N HIS A 29 -3.96 21.40 -11.42
CA HIS A 29 -5.27 20.77 -11.35
C HIS A 29 -5.11 19.27 -11.12
N LEU A 30 -4.09 18.66 -11.74
CA LEU A 30 -3.78 17.25 -11.54
C LEU A 30 -3.34 17.02 -10.08
N VAL A 31 -2.56 17.95 -9.48
CA VAL A 31 -2.12 17.83 -8.07
C VAL A 31 -3.35 17.73 -7.15
N GLN A 32 -4.27 18.66 -7.31
CA GLN A 32 -5.45 18.72 -6.48
C GLN A 32 -6.38 17.50 -6.66
N SER A 33 -6.53 16.99 -7.90
CA SER A 33 -7.38 15.82 -8.07
C SER A 33 -6.71 14.56 -7.51
N VAL A 34 -5.36 14.41 -7.64
CA VAL A 34 -4.68 13.27 -7.05
C VAL A 34 -4.76 13.36 -5.51
N CYS A 35 -4.56 14.55 -4.91
CA CYS A 35 -4.68 14.69 -3.45
C CYS A 35 -6.12 14.42 -2.96
N LYS A 36 -7.11 14.89 -3.70
CA LYS A 36 -8.51 14.68 -3.36
C LYS A 36 -8.87 13.19 -3.49
N SER A 37 -8.39 12.51 -4.55
CA SER A 37 -8.67 11.09 -4.76
C SER A 37 -8.09 10.23 -3.63
N TYR A 38 -6.92 10.61 -3.14
CA TYR A 38 -6.25 9.92 -2.06
C TYR A 38 -7.01 10.05 -0.72
N ARG A 39 -7.39 11.28 -0.35
CA ARG A 39 -8.09 11.51 0.91
C ARG A 39 -9.44 10.76 0.97
N GLU A 40 -10.12 10.67 -0.17
CA GLU A 40 -11.39 10.00 -0.29
C GLU A 40 -11.33 8.46 -0.34
N THR A 41 -10.13 7.89 -0.47
CA THR A 41 -9.95 6.44 -0.59
C THR A 41 -9.03 5.85 0.47
N CYS A 42 -8.99 6.45 1.64
CA CYS A 42 -8.23 5.90 2.75
C CYS A 42 -9.20 5.16 3.62
N GLN A 43 -8.83 3.95 4.00
CA GLN A 43 -9.65 3.13 4.87
C GLN A 43 -9.84 3.79 6.25
N LEU A 44 -8.81 4.49 6.74
CA LEU A 44 -8.86 5.12 8.03
C LEU A 44 -8.51 6.58 7.91
N ARG A 45 -9.27 7.43 8.60
CA ARG A 45 -8.98 8.86 8.63
C ARG A 45 -7.69 9.07 9.46
N LEU A 46 -6.79 9.94 8.98
CA LEU A 46 -5.53 10.19 9.69
C LEU A 46 -5.76 10.79 11.11
N GLU A 47 -6.84 11.59 11.28
CA GLU A 47 -7.22 12.20 12.56
C GLU A 47 -7.47 11.08 13.58
N ASP A 48 -8.24 10.06 13.18
CA ASP A 48 -8.55 8.91 14.03
C ASP A 48 -7.27 8.19 14.43
N LEU A 49 -6.35 7.96 13.47
CA LEU A 49 -5.08 7.29 13.70
C LEU A 49 -4.19 8.03 14.68
N LEU A 50 -4.14 9.36 14.59
CA LEU A 50 -3.31 10.15 15.49
C LEU A 50 -3.90 10.21 16.90
N ARG A 51 -5.24 10.31 17.03
CA ARG A 51 -5.91 10.33 18.33
C ARG A 51 -5.84 8.99 19.08
N GLN A 52 -5.55 7.88 18.37
CA GLN A 52 -5.47 6.55 18.99
C GLN A 52 -4.07 6.16 19.44
N ARG A 53 -3.06 7.00 19.23
CA ARG A 53 -1.67 6.64 19.53
C ARG A 53 -1.38 6.15 20.95
N SER A 54 -2.16 6.60 21.95
CA SER A 54 -1.96 6.14 23.33
C SER A 54 -2.65 4.77 23.59
N ASN A 55 -3.64 4.40 22.76
CA ASN A 55 -4.35 3.14 22.87
C ASN A 55 -3.42 2.04 22.37
N ILE A 56 -2.56 1.51 23.26
CA ILE A 56 -1.57 0.50 22.97
C ILE A 56 -1.95 -0.84 23.61
N PHE A 57 -1.70 -1.95 22.89
CA PHE A 57 -1.94 -3.29 23.37
C PHE A 57 -1.14 -3.59 24.63
N SER A 58 -1.82 -4.12 25.66
CA SER A 58 -1.15 -4.48 26.91
C SER A 58 -0.31 -5.74 26.69
N ARG A 59 0.68 -6.01 27.55
CA ARG A 59 1.51 -7.21 27.43
C ARG A 59 0.67 -8.53 27.39
N GLU A 60 -0.51 -8.52 28.03
CA GLU A 60 -1.42 -9.67 28.05
C GLU A 60 -2.14 -9.81 26.71
N GLU A 61 -2.47 -8.68 26.07
CA GLU A 61 -3.12 -8.68 24.76
C GLU A 61 -2.11 -9.11 23.68
N VAL A 62 -0.85 -8.63 23.79
CA VAL A 62 0.24 -9.02 22.89
C VAL A 62 0.46 -10.53 22.97
N THR A 63 0.46 -11.08 24.20
CA THR A 63 0.62 -12.52 24.47
C THR A 63 -0.51 -13.34 23.81
N GLY A 64 -1.74 -12.86 23.90
CA GLY A 64 -2.89 -13.46 23.24
C GLY A 64 -2.70 -13.56 21.74
N TYR A 65 -2.11 -12.52 21.11
CA TYR A 65 -1.87 -12.54 19.67
C TYR A 65 -0.81 -13.55 19.30
N GLN A 66 0.24 -13.64 20.12
CA GLN A 66 1.35 -14.57 19.93
C GLN A 66 0.94 -16.01 20.11
N ARG A 67 -0.06 -16.27 20.97
CA ARG A 67 -0.60 -17.59 21.25
C ARG A 67 -1.66 -18.05 20.25
N LYS A 68 -2.12 -17.17 19.33
CA LYS A 68 -3.08 -17.58 18.31
C LYS A 68 -2.39 -18.49 17.30
N SER A 69 -3.13 -19.41 16.68
CA SER A 69 -2.54 -20.33 15.71
C SER A 69 -1.98 -19.54 14.50
N MET A 70 -0.94 -20.08 13.85
CA MET A 70 -0.35 -19.45 12.69
C MET A 70 -1.40 -19.17 11.60
N TRP A 71 -2.31 -20.17 11.37
CA TRP A 71 -3.36 -20.05 10.36
C TRP A 71 -4.38 -19.00 10.73
N GLU A 72 -4.77 -18.92 12.01
CA GLU A 72 -5.70 -17.86 12.43
C GLU A 72 -5.10 -16.44 12.17
N MET A 73 -3.81 -16.22 12.50
CA MET A 73 -3.16 -14.94 12.26
C MET A 73 -3.07 -14.63 10.79
N TRP A 74 -2.77 -15.65 9.96
CA TRP A 74 -2.67 -15.45 8.53
C TRP A 74 -4.03 -15.05 7.95
N GLU A 75 -5.13 -15.68 8.43
CA GLU A 75 -6.46 -15.35 7.91
C GLU A 75 -6.82 -13.91 8.24
N ARG A 76 -6.55 -13.47 9.45
CA ARG A 76 -6.84 -12.11 9.88
C ARG A 76 -6.03 -11.10 9.06
N CYS A 77 -4.73 -11.34 8.90
CA CYS A 77 -3.86 -10.43 8.16
C CYS A 77 -4.19 -10.35 6.68
N ALA A 78 -4.46 -11.50 6.02
CA ALA A 78 -4.86 -11.51 4.61
C ALA A 78 -6.18 -10.75 4.44
N HIS A 79 -7.10 -10.85 5.41
CA HIS A 79 -8.36 -10.13 5.37
C HIS A 79 -8.12 -8.61 5.52
N HIS A 80 -7.20 -8.19 6.41
CA HIS A 80 -6.90 -6.77 6.55
C HIS A 80 -6.20 -6.23 5.31
N LEU A 81 -5.32 -7.04 4.68
CA LEU A 81 -4.65 -6.60 3.46
C LEU A 81 -5.68 -6.45 2.33
N THR A 82 -6.64 -7.38 2.22
CA THR A 82 -7.70 -7.33 1.22
C THR A 82 -8.53 -6.06 1.36
N GLU A 83 -8.94 -5.69 2.58
CA GLU A 83 -9.72 -4.45 2.78
C GLU A 83 -8.92 -3.23 2.27
N ALA A 84 -7.61 -3.15 2.59
CA ALA A 84 -6.74 -2.04 2.20
C ALA A 84 -6.54 -2.00 0.68
N ILE A 85 -6.36 -3.16 0.05
CA ILE A 85 -6.23 -3.24 -1.40
C ILE A 85 -7.51 -2.78 -2.10
N GLN A 86 -8.68 -3.06 -1.50
CA GLN A 86 -9.94 -2.59 -2.04
C GLN A 86 -10.00 -1.06 -2.09
N TYR A 87 -9.48 -0.37 -1.07
CA TYR A 87 -9.43 1.09 -1.07
C TYR A 87 -8.45 1.62 -2.11
N VAL A 88 -7.37 0.89 -2.38
CA VAL A 88 -6.35 1.21 -3.41
C VAL A 88 -6.95 1.02 -4.81
N VAL A 89 -7.84 0.03 -4.98
CA VAL A 89 -8.52 -0.18 -6.26
C VAL A 89 -9.42 1.06 -6.52
N GLU A 90 -10.10 1.55 -5.48
CA GLU A 90 -10.94 2.72 -5.56
C GLU A 90 -10.12 4.00 -5.89
N PHE A 91 -8.93 4.14 -5.30
CA PHE A 91 -8.01 5.25 -5.56
C PHE A 91 -7.62 5.23 -7.04
N ALA A 92 -7.29 4.03 -7.59
CA ALA A 92 -6.88 3.87 -8.98
C ALA A 92 -8.01 4.29 -9.91
N LYS A 93 -9.26 3.90 -9.58
CA LYS A 93 -10.44 4.27 -10.37
C LYS A 93 -10.73 5.78 -10.38
N ARG A 94 -10.22 6.51 -9.37
CA ARG A 94 -10.37 7.95 -9.27
C ARG A 94 -9.21 8.72 -9.91
N LEU A 95 -8.08 8.06 -10.21
CA LEU A 95 -6.97 8.75 -10.88
C LEU A 95 -7.33 9.02 -12.30
N SER A 96 -7.20 10.29 -12.72
CA SER A 96 -7.48 10.73 -14.10
C SER A 96 -6.54 9.99 -15.04
N GLY A 97 -7.08 9.41 -16.09
CA GLY A 97 -6.26 8.67 -17.04
C GLY A 97 -6.29 7.17 -16.84
N PHE A 98 -6.49 6.70 -15.60
CA PHE A 98 -6.48 5.26 -15.31
C PHE A 98 -7.60 4.50 -15.97
N MET A 99 -8.87 4.97 -15.85
CA MET A 99 -9.99 4.29 -16.52
C MET A 99 -9.97 4.45 -18.06
N GLU A 100 -9.15 5.38 -18.59
CA GLU A 100 -8.93 5.57 -20.02
C GLU A 100 -7.95 4.50 -20.57
N LEU A 101 -7.14 3.85 -19.70
CA LEU A 101 -6.27 2.76 -20.13
C LEU A 101 -7.14 1.53 -20.38
N CYS A 102 -6.62 0.55 -21.16
CA CYS A 102 -7.40 -0.66 -21.40
C CYS A 102 -7.48 -1.52 -20.12
N GLN A 103 -8.50 -2.39 -20.02
CA GLN A 103 -8.70 -3.29 -18.88
C GLN A 103 -7.45 -4.11 -18.59
N ASN A 104 -6.79 -4.70 -19.62
CA ASN A 104 -5.55 -5.45 -19.41
C ASN A 104 -4.50 -4.60 -18.68
N ASP A 105 -4.35 -3.32 -19.09
CA ASP A 105 -3.35 -2.47 -18.48
C ASP A 105 -3.74 -2.05 -17.05
N GLN A 106 -5.03 -1.78 -16.80
CA GLN A 106 -5.54 -1.47 -15.47
C GLN A 106 -5.26 -2.63 -14.49
N ILE A 107 -5.43 -3.88 -15.00
CA ILE A 107 -5.22 -5.09 -14.23
C ILE A 107 -3.73 -5.36 -14.01
N VAL A 108 -2.90 -5.15 -15.04
CA VAL A 108 -1.45 -5.29 -14.91
C VAL A 108 -0.92 -4.33 -13.82
N LEU A 109 -1.39 -3.08 -13.85
CA LEU A 109 -0.91 -2.06 -12.92
C LEU A 109 -1.36 -2.31 -11.49
N LEU A 110 -2.60 -2.73 -11.27
CA LEU A 110 -3.09 -3.02 -9.91
C LEU A 110 -2.44 -4.30 -9.40
N LYS A 111 -2.21 -5.32 -10.25
CA LYS A 111 -1.56 -6.55 -9.80
C LYS A 111 -0.14 -6.32 -9.39
N ALA A 112 0.56 -5.44 -10.10
CA ALA A 112 1.95 -5.15 -9.77
C ALA A 112 2.09 -4.06 -8.70
N GLY A 113 1.15 -3.11 -8.63
CA GLY A 113 1.29 -1.96 -7.76
C GLY A 113 0.39 -1.81 -6.54
N ALA A 114 -0.73 -2.57 -6.45
CA ALA A 114 -1.63 -2.47 -5.29
C ALA A 114 -0.94 -2.70 -3.96
N MET A 115 -0.16 -3.79 -3.83
CA MET A 115 0.54 -4.09 -2.57
C MET A 115 1.56 -2.99 -2.28
N GLU A 116 2.29 -2.56 -3.30
CA GLU A 116 3.28 -1.48 -3.18
C GLU A 116 2.63 -0.19 -2.65
N VAL A 117 1.43 0.17 -3.13
CA VAL A 117 0.71 1.34 -2.64
C VAL A 117 0.33 1.14 -1.16
N VAL A 118 -0.12 -0.07 -0.77
CA VAL A 118 -0.48 -0.33 0.63
C VAL A 118 0.77 -0.20 1.53
N LEU A 119 1.91 -0.70 1.04
CA LEU A 119 3.20 -0.61 1.71
C LEU A 119 3.62 0.83 1.98
N VAL A 120 3.34 1.76 1.07
CA VAL A 120 3.66 3.16 1.27
C VAL A 120 2.63 3.79 2.21
N ARG A 121 1.31 3.51 2.01
CA ARG A 121 0.22 4.05 2.83
C ARG A 121 0.38 3.72 4.31
N MET A 122 0.84 2.51 4.60
CA MET A 122 1.14 1.90 5.89
C MET A 122 1.82 2.87 6.91
N CYS A 123 2.73 3.74 6.44
CA CYS A 123 3.44 4.69 7.28
C CYS A 123 2.50 5.67 8.00
N ARG A 124 1.28 5.94 7.47
CA ARG A 124 0.30 6.78 8.17
C ARG A 124 -0.20 6.12 9.45
N ALA A 125 -0.23 4.80 9.52
CA ALA A 125 -0.70 4.07 10.70
C ALA A 125 0.46 3.55 11.58
N TYR A 126 1.67 4.07 11.34
CA TYR A 126 2.84 3.69 12.06
C TYR A 126 3.26 4.84 12.97
N ASN A 127 3.74 4.50 14.16
CA ASN A 127 4.23 5.49 15.10
C ASN A 127 5.72 5.20 15.31
N ALA A 128 6.61 6.04 14.73
CA ALA A 128 8.05 5.86 14.88
C ALA A 128 8.56 6.18 16.33
N ASP A 129 7.75 6.88 17.15
CA ASP A 129 8.15 7.18 18.52
C ASP A 129 8.28 5.89 19.37
N ASN A 130 7.37 4.90 19.15
CA ASN A 130 7.46 3.63 19.88
C ASN A 130 7.53 2.39 18.95
N ARG A 131 7.68 2.60 17.63
CA ARG A 131 7.78 1.53 16.63
C ARG A 131 6.56 0.61 16.64
N THR A 132 5.35 1.20 16.68
CA THR A 132 4.11 0.44 16.70
C THR A 132 3.27 0.72 15.46
N VAL A 133 2.33 -0.17 15.18
CA VAL A 133 1.44 -0.04 14.05
C VAL A 133 0.00 -0.20 14.54
N PHE A 134 -0.94 0.54 13.93
CA PHE A 134 -2.34 0.42 14.30
C PHE A 134 -2.89 -0.89 13.71
N PHE A 135 -3.33 -1.81 14.56
CA PHE A 135 -3.81 -3.11 14.15
C PHE A 135 -5.04 -3.51 15.00
N GLU A 136 -6.19 -3.76 14.40
CA GLU A 136 -7.39 -4.21 15.13
C GLU A 136 -7.74 -3.33 16.34
N GLY A 137 -7.76 -2.02 16.14
CA GLY A 137 -8.18 -1.07 17.16
C GLY A 137 -7.14 -0.45 18.07
N LYS A 138 -5.95 -1.03 18.18
CA LYS A 138 -4.89 -0.49 19.04
C LYS A 138 -3.54 -0.54 18.33
N TYR A 139 -2.50 0.06 18.94
CA TYR A 139 -1.13 0.05 18.42
C TYR A 139 -0.31 -1.05 19.10
N GLY A 140 0.53 -1.71 18.32
CA GLY A 140 1.39 -2.76 18.84
C GLY A 140 2.63 -2.88 17.99
N GLY A 141 3.70 -3.36 18.60
CA GLY A 141 4.98 -3.52 17.93
C GLY A 141 5.08 -4.80 17.12
N MET A 142 6.26 -5.05 16.58
CA MET A 142 6.61 -6.19 15.75
C MET A 142 6.22 -7.54 16.36
N GLU A 143 6.46 -7.72 17.67
CA GLU A 143 6.19 -8.93 18.43
C GLU A 143 4.73 -9.38 18.40
N LEU A 144 3.81 -8.51 18.02
CA LEU A 144 2.38 -8.83 17.89
C LEU A 144 2.13 -9.84 16.76
N PHE A 145 3.01 -9.89 15.75
CA PHE A 145 2.85 -10.76 14.59
C PHE A 145 3.73 -12.02 14.59
N ARG A 146 4.27 -12.38 15.75
CA ARG A 146 5.17 -13.51 15.94
C ARG A 146 4.54 -14.87 15.55
N ALA A 147 3.21 -15.01 15.67
CA ALA A 147 2.53 -16.24 15.28
C ALA A 147 2.53 -16.53 13.78
N LEU A 148 2.63 -15.48 12.93
CA LEU A 148 2.66 -15.62 11.46
C LEU A 148 3.81 -16.52 11.01
N GLY A 149 4.92 -16.50 11.74
CA GLY A 149 6.08 -17.28 11.38
C GLY A 149 6.79 -16.71 10.17
N CYS A 150 6.83 -15.37 10.07
CA CYS A 150 7.53 -14.71 8.94
C CYS A 150 8.19 -13.45 9.44
N SER A 151 9.02 -13.66 10.44
CA SER A 151 9.78 -12.67 11.18
C SER A 151 10.57 -11.67 10.33
N GLU A 152 11.25 -12.15 9.28
CA GLU A 152 12.04 -11.26 8.42
C GLU A 152 11.13 -10.33 7.58
N LEU A 153 9.98 -10.83 7.12
CA LEU A 153 9.04 -10.02 6.34
C LEU A 153 8.50 -8.90 7.26
N ILE A 154 8.05 -9.25 8.48
CA ILE A 154 7.53 -8.28 9.44
C ILE A 154 8.58 -7.19 9.74
N SER A 155 9.81 -7.62 10.03
CA SER A 155 10.94 -6.72 10.22
C SER A 155 11.14 -5.75 9.04
N SER A 156 11.14 -6.26 7.80
CA SER A 156 11.30 -5.45 6.60
C SER A 156 10.14 -4.43 6.47
N ILE A 157 8.92 -4.87 6.76
CA ILE A 157 7.76 -4.00 6.71
C ILE A 157 7.89 -2.87 7.74
N PHE A 158 8.27 -3.18 8.98
CA PHE A 158 8.45 -2.18 10.02
C PHE A 158 9.61 -1.21 9.69
N ASP A 159 10.73 -1.74 9.14
CA ASP A 159 11.89 -0.93 8.73
C ASP A 159 11.52 0.01 7.58
N PHE A 160 10.74 -0.47 6.60
CA PHE A 160 10.32 0.36 5.48
C PHE A 160 9.42 1.48 5.97
N SER A 161 8.51 1.20 6.89
CA SER A 161 7.63 2.21 7.48
C SER A 161 8.41 3.23 8.28
N HIS A 162 9.42 2.77 9.03
CA HIS A 162 10.30 3.61 9.81
C HIS A 162 11.08 4.56 8.88
N SER A 163 11.56 4.04 7.76
CA SER A 163 12.32 4.84 6.80
C SER A 163 11.43 5.90 6.11
N LEU A 164 10.12 5.61 5.88
CA LEU A 164 9.21 6.61 5.30
C LEU A 164 8.79 7.66 6.33
N SER A 165 8.72 7.29 7.62
CA SER A 165 8.40 8.21 8.71
C SER A 165 9.48 9.27 8.91
N ALA A 166 10.74 8.93 8.60
CA ALA A 166 11.85 9.88 8.70
C ALA A 166 11.66 11.04 7.70
N LEU A 167 10.97 10.79 6.55
CA LEU A 167 10.69 11.78 5.53
C LEU A 167 9.64 12.81 5.95
N HIS A 168 8.81 12.52 6.97
CA HIS A 168 7.75 13.42 7.41
C HIS A 168 6.84 13.88 6.26
N PHE A 169 6.35 12.92 5.50
CA PHE A 169 5.47 13.20 4.38
C PHE A 169 4.20 13.93 4.80
N SER A 170 3.75 14.89 4.00
CA SER A 170 2.41 15.44 4.17
C SER A 170 1.45 14.48 3.40
N GLU A 171 0.13 14.59 3.62
CA GLU A 171 -0.85 13.76 2.91
C GLU A 171 -0.78 13.94 1.39
N ASP A 172 -0.61 15.19 0.95
CA ASP A 172 -0.44 15.52 -0.46
C ASP A 172 0.80 14.77 -1.06
N GLU A 173 1.90 14.71 -0.30
CA GLU A 173 3.10 14.02 -0.77
C GLU A 173 2.90 12.53 -0.94
N ILE A 174 2.20 11.89 0.01
CA ILE A 174 1.90 10.47 -0.08
C ILE A 174 0.97 10.21 -1.27
N ALA A 175 -0.01 11.09 -1.47
CA ALA A 175 -0.97 11.00 -2.57
C ALA A 175 -0.25 11.03 -3.90
N LEU A 176 0.69 11.97 -4.10
CA LEU A 176 1.43 12.11 -5.34
C LEU A 176 2.43 10.98 -5.56
N TYR A 177 3.11 10.56 -4.51
CA TYR A 177 4.05 9.45 -4.58
C TYR A 177 3.32 8.13 -4.91
N THR A 178 2.19 7.82 -4.22
CA THR A 178 1.47 6.57 -4.43
C THR A 178 0.83 6.50 -5.81
N ALA A 179 0.40 7.64 -6.36
CA ALA A 179 -0.11 7.65 -7.76
C ALA A 179 1.03 7.21 -8.72
N LEU A 180 2.27 7.64 -8.43
CA LEU A 180 3.43 7.24 -9.24
C LEU A 180 3.84 5.79 -9.02
N VAL A 181 3.64 5.26 -7.81
CA VAL A 181 3.93 3.85 -7.52
C VAL A 181 3.00 2.97 -8.41
N LEU A 182 1.73 3.38 -8.51
CA LEU A 182 0.75 2.66 -9.30
C LEU A 182 0.97 2.85 -10.83
N ILE A 183 1.03 4.11 -11.31
CA ILE A 183 1.20 4.40 -12.72
C ILE A 183 2.65 4.29 -13.12
N ASN A 184 3.10 3.06 -13.35
CA ASN A 184 4.49 2.77 -13.69
C ASN A 184 4.48 2.18 -15.08
N ALA A 185 5.11 2.88 -16.03
CA ALA A 185 5.13 2.43 -17.41
C ALA A 185 6.08 1.25 -17.69
N HIS A 186 6.97 0.92 -16.74
CA HIS A 186 7.90 -0.19 -16.90
C HIS A 186 7.29 -1.55 -16.55
N ARG A 187 6.03 -1.61 -16.07
CA ARG A 187 5.43 -2.90 -15.69
C ARG A 187 5.38 -3.87 -16.86
N PRO A 188 5.97 -5.07 -16.70
CA PRO A 188 5.84 -6.09 -17.77
C PRO A 188 4.38 -6.45 -18.01
N GLY A 189 3.98 -6.56 -19.26
CA GLY A 189 2.61 -6.93 -19.58
C GLY A 189 1.77 -5.83 -20.17
N LEU A 190 2.26 -4.59 -20.12
CA LEU A 190 1.54 -3.43 -20.64
C LEU A 190 1.45 -3.45 -22.17
N GLN A 191 0.21 -3.39 -22.66
CA GLN A 191 -0.14 -3.35 -24.07
C GLN A 191 0.06 -1.97 -24.70
N GLU A 192 -0.38 -0.90 -24.01
CA GLU A 192 -0.24 0.47 -24.49
C GLU A 192 0.74 1.18 -23.56
N LYS A 193 2.02 0.81 -23.68
CA LYS A 193 3.11 1.33 -22.87
C LYS A 193 3.20 2.86 -22.95
N ARG A 194 3.17 3.41 -24.17
CA ARG A 194 3.24 4.85 -24.41
C ARG A 194 2.15 5.67 -23.70
N LYS A 195 0.90 5.15 -23.65
CA LYS A 195 -0.19 5.85 -22.95
C LYS A 195 0.08 5.90 -21.44
N VAL A 196 0.66 4.82 -20.87
CA VAL A 196 0.99 4.81 -19.45
C VAL A 196 2.18 5.75 -19.16
N GLU A 197 3.14 5.87 -20.12
CA GLU A 197 4.29 6.77 -20.01
C GLU A 197 3.84 8.24 -19.95
N GLN A 198 2.83 8.60 -20.72
CA GLN A 198 2.33 9.97 -20.74
C GLN A 198 1.68 10.27 -19.39
N LEU A 199 0.86 9.34 -18.88
CA LEU A 199 0.19 9.50 -17.59
C LEU A 199 1.21 9.62 -16.46
N GLN A 200 2.24 8.79 -16.50
CA GLN A 200 3.31 8.79 -15.53
C GLN A 200 4.12 10.09 -15.61
N TYR A 201 4.41 10.58 -16.82
CA TYR A 201 5.13 11.84 -17.01
C TYR A 201 4.29 13.01 -16.42
N ASN A 202 2.97 13.04 -16.67
CA ASN A 202 2.12 14.06 -16.09
C ASN A 202 2.07 14.02 -14.57
N LEU A 203 1.93 12.81 -14.00
CA LEU A 203 1.97 12.65 -12.54
C LEU A 203 3.36 12.99 -11.98
N GLU A 204 4.42 12.80 -12.74
CA GLU A 204 5.78 13.17 -12.31
C GLU A 204 5.92 14.69 -12.28
N LEU A 205 5.35 15.38 -13.27
CA LEU A 205 5.36 16.85 -13.32
C LEU A 205 4.57 17.37 -12.13
N ALA A 206 3.41 16.77 -11.83
CA ALA A 206 2.59 17.18 -10.69
C ALA A 206 3.35 16.97 -9.37
N PHE A 207 3.99 15.82 -9.19
CA PHE A 207 4.75 15.54 -7.98
C PHE A 207 5.93 16.51 -7.81
N HIS A 208 6.76 16.66 -8.85
CA HIS A 208 7.91 17.56 -8.80
C HIS A 208 7.50 19.02 -8.70
N HIS A 209 6.41 19.42 -9.36
CA HIS A 209 5.92 20.78 -9.27
C HIS A 209 5.50 21.07 -7.84
N HIS A 210 4.69 20.19 -7.24
CA HIS A 210 4.29 20.35 -5.86
C HIS A 210 5.49 20.37 -4.89
N LEU A 211 6.51 19.53 -5.15
CA LEU A 211 7.73 19.54 -4.31
C LEU A 211 8.53 20.83 -4.47
N CYS A 212 8.61 21.33 -5.70
CA CYS A 212 9.37 22.55 -5.99
C CYS A 212 8.68 23.74 -5.27
N LYS A 213 7.35 23.85 -5.44
CA LYS A 213 6.51 24.87 -4.83
C LYS A 213 6.59 24.93 -3.30
N THR A 214 6.58 23.75 -2.64
CA THR A 214 6.64 23.67 -1.18
C THR A 214 8.05 23.63 -0.62
N HIS A 215 9.08 23.75 -1.47
CA HIS A 215 10.49 23.68 -1.04
C HIS A 215 10.77 22.34 -0.35
N ARG A 216 10.34 21.25 -0.99
CA ARG A 216 10.47 19.90 -0.48
C ARG A 216 11.25 18.95 -1.41
N GLN A 217 11.96 19.48 -2.43
CA GLN A 217 12.73 18.65 -3.36
C GLN A 217 13.87 17.85 -2.68
N SER A 218 14.20 18.16 -1.43
CA SER A 218 15.20 17.44 -0.66
C SER A 218 14.80 15.98 -0.39
N ILE A 219 13.49 15.66 -0.41
CA ILE A 219 13.03 14.31 -0.18
C ILE A 219 13.30 13.40 -1.37
N LEU A 220 13.50 13.94 -2.60
CA LEU A 220 13.70 13.13 -3.79
C LEU A 220 14.81 12.11 -3.65
N ALA A 221 15.98 12.56 -3.19
CA ALA A 221 17.15 11.72 -2.97
C ALA A 221 16.93 10.66 -1.89
N LYS A 222 16.03 10.93 -0.93
CA LYS A 222 15.75 10.06 0.19
C LYS A 222 14.57 9.10 -0.04
N LEU A 223 13.83 9.23 -1.14
CA LEU A 223 12.73 8.31 -1.45
C LEU A 223 13.29 6.90 -1.62
N PRO A 224 12.59 5.87 -1.12
CA PRO A 224 13.16 4.52 -1.20
C PRO A 224 13.45 4.13 -2.62
N PRO A 225 14.58 3.45 -2.87
CA PRO A 225 14.83 2.95 -4.24
C PRO A 225 13.72 1.94 -4.60
N LYS A 226 13.51 1.83 -5.91
CA LYS A 226 12.44 1.02 -6.47
C LYS A 226 12.65 -0.49 -6.32
N GLY A 227 13.84 -0.99 -6.14
CA GLY A 227 14.04 -2.43 -5.86
C GLY A 227 13.60 -2.81 -4.44
N LYS A 228 13.42 -1.80 -3.55
CA LYS A 228 13.00 -2.05 -2.17
C LYS A 228 11.51 -2.45 -2.11
N LEU A 229 10.63 -1.75 -2.85
CA LEU A 229 9.21 -2.07 -2.88
C LEU A 229 8.98 -3.45 -3.51
N ARG A 230 9.74 -3.75 -4.57
CA ARG A 230 9.71 -5.00 -5.29
C ARG A 230 10.15 -6.15 -4.38
N SER A 231 11.22 -5.95 -3.59
CA SER A 231 11.76 -6.94 -2.65
C SER A 231 10.73 -7.28 -1.55
N LEU A 232 10.05 -6.24 -1.04
CA LEU A 232 9.01 -6.42 -0.02
C LEU A 232 7.87 -7.27 -0.58
N CYS A 233 7.47 -7.01 -1.84
CA CYS A 233 6.42 -7.76 -2.51
C CYS A 233 6.79 -9.18 -2.82
N SER A 234 8.06 -9.43 -3.16
CA SER A 234 8.53 -10.78 -3.40
C SER A 234 8.53 -11.56 -2.09
N GLN A 235 8.95 -10.93 -0.98
CA GLN A 235 8.98 -11.60 0.32
C GLN A 235 7.58 -12.03 0.72
N HIS A 236 6.57 -11.17 0.49
CA HIS A 236 5.18 -11.48 0.79
C HIS A 236 4.71 -12.75 0.04
N VAL A 237 4.92 -12.80 -1.29
CA VAL A 237 4.57 -13.93 -2.15
C VAL A 237 5.36 -15.20 -1.74
N GLU A 238 6.66 -15.09 -1.36
CA GLU A 238 7.43 -16.26 -0.90
C GLU A 238 6.87 -16.82 0.41
N ARG A 239 6.57 -15.94 1.41
CA ARG A 239 6.04 -16.38 2.68
C ARG A 239 4.65 -16.96 2.55
N LEU A 240 3.83 -16.41 1.64
CA LEU A 240 2.50 -16.91 1.41
C LEU A 240 2.61 -18.31 0.81
N GLN A 241 3.53 -18.54 -0.15
CA GLN A 241 3.72 -19.87 -0.72
C GLN A 241 4.05 -20.90 0.37
N ILE A 242 4.90 -20.53 1.34
CA ILE A 242 5.26 -21.38 2.47
C ILE A 242 4.02 -21.70 3.30
N PHE A 243 3.25 -20.68 3.70
CA PHE A 243 2.06 -20.88 4.50
C PHE A 243 1.02 -21.77 3.76
N GLN A 244 0.78 -21.46 2.49
CA GLN A 244 -0.17 -22.16 1.64
C GLN A 244 0.20 -23.63 1.48
N HIS A 245 1.48 -23.95 1.48
CA HIS A 245 1.93 -25.34 1.35
C HIS A 245 1.61 -26.12 2.63
N LEU A 246 1.77 -25.49 3.80
CA LEU A 246 1.45 -26.14 5.06
C LEU A 246 -0.07 -26.19 5.31
N HIS A 247 -0.83 -25.19 4.78
CA HIS A 247 -2.25 -25.09 5.03
C HIS A 247 -3.05 -24.76 3.76
N PRO A 248 -3.04 -25.67 2.74
CA PRO A 248 -3.74 -25.36 1.49
C PRO A 248 -5.24 -25.18 1.61
N ILE A 249 -5.89 -25.93 2.52
CA ILE A 249 -7.34 -25.81 2.69
C ILE A 249 -7.69 -24.52 3.46
N VAL A 250 -6.78 -24.01 4.31
CA VAL A 250 -7.01 -22.72 4.99
C VAL A 250 -7.08 -21.61 3.93
N VAL A 251 -6.13 -21.62 2.97
CA VAL A 251 -6.10 -20.64 1.89
C VAL A 251 -7.31 -20.77 0.97
N GLN A 252 -7.61 -21.99 0.53
CA GLN A 252 -8.74 -22.21 -0.36
C GLN A 252 -10.10 -21.86 0.29
N ALA A 253 -10.29 -22.23 1.57
CA ALA A 253 -11.57 -22.02 2.23
C ALA A 253 -11.75 -20.69 2.99
N ALA A 254 -10.69 -20.15 3.59
CA ALA A 254 -10.84 -18.93 4.42
C ALA A 254 -9.97 -17.72 4.03
N PHE A 255 -9.37 -17.70 2.84
CA PHE A 255 -8.63 -16.51 2.38
C PHE A 255 -9.52 -15.77 1.38
N PRO A 256 -9.52 -14.42 1.40
CA PRO A 256 -10.40 -13.69 0.48
C PRO A 256 -10.05 -13.94 -0.96
N PRO A 257 -11.08 -14.04 -1.83
CA PRO A 257 -10.83 -14.29 -3.25
C PRO A 257 -9.91 -13.27 -3.93
N LEU A 258 -10.03 -11.98 -3.55
CA LEU A 258 -9.19 -10.93 -4.15
C LEU A 258 -7.73 -11.12 -3.78
N TYR A 259 -7.45 -11.58 -2.53
CA TYR A 259 -6.09 -11.86 -2.04
C TYR A 259 -5.46 -12.97 -2.86
N LYS A 260 -6.21 -14.05 -3.10
CA LYS A 260 -5.72 -15.16 -3.90
C LYS A 260 -5.47 -14.78 -5.37
N GLU A 261 -6.30 -13.91 -5.94
CA GLU A 261 -6.11 -13.47 -7.32
C GLU A 261 -4.81 -12.64 -7.45
N LEU A 262 -4.53 -11.77 -6.47
CA LEU A 262 -3.33 -10.94 -6.53
C LEU A 262 -2.08 -11.68 -6.13
N PHE A 263 -2.18 -12.60 -5.17
CA PHE A 263 -0.98 -13.20 -4.59
C PHE A 263 -0.80 -14.72 -4.71
N SER A 264 -1.88 -15.52 -4.75
CA SER A 264 -1.70 -16.97 -4.82
C SER A 264 -1.27 -17.45 -6.22
N LYS A 277 -11.82 -12.52 -13.35
CA LYS A 277 -11.80 -12.77 -11.91
C LYS A 277 -12.33 -11.52 -11.09
N ILE A 278 -11.95 -11.36 -9.78
CA ILE A 278 -12.42 -10.30 -8.86
C ILE A 278 -12.06 -8.86 -9.30
N LEU A 279 -10.87 -8.66 -9.91
CA LEU A 279 -10.46 -7.33 -10.37
C LEU A 279 -11.36 -6.81 -11.48
N HIS A 280 -11.78 -7.71 -12.39
CA HIS A 280 -12.66 -7.34 -13.51
C HIS A 280 -13.97 -6.77 -12.98
N ARG A 281 -14.54 -7.40 -11.92
CA ARG A 281 -15.78 -6.91 -11.31
C ARG A 281 -15.59 -5.56 -10.58
N LEU A 282 -14.56 -5.46 -9.71
CA LEU A 282 -14.29 -4.21 -8.98
C LEU A 282 -14.10 -3.01 -9.91
N LEU A 283 -13.41 -3.21 -11.05
CA LEU A 283 -13.12 -2.16 -12.02
C LEU A 283 -14.32 -1.72 -12.85
N GLN A 284 -15.19 -2.66 -13.23
CA GLN A 284 -16.37 -2.34 -14.02
C GLN A 284 -17.32 -1.51 -13.15
N GLU A 285 -17.57 -1.99 -11.90
CA GLU A 285 -18.43 -1.37 -10.89
C GLU A 285 -18.27 0.14 -10.78
C1 R7V B . -0.84 -8.35 5.96
C2 R7V B . -1.55 -7.21 6.31
C3 R7V B . -0.93 -5.97 6.37
C4 R7V B . 0.43 -5.87 6.00
C5 R7V B . 1.11 -7.02 5.64
C6 R7V B . 0.51 -8.28 5.64
C7 R7V B . -1.66 -4.77 7.01
C8 R7V B . -0.91 -3.41 6.72
C9 R7V B . 0.18 -3.39 5.65
C10 R7V B . 1.12 -4.54 5.93
C11 R7V B . -3.06 -4.63 6.34
C12 R7V B . -3.09 -3.26 5.67
N13 R7V B . -2.02 -2.51 6.36
C14 R7V B . 1.33 -9.52 5.28
F15 R7V B . 2.19 -9.21 4.26
C16 R7V B . -0.33 -5.43 9.47
C17 R7V B . 0.12 -6.74 9.41
C18 R7V B . 1.46 -7.00 9.56
C19 R7V B . 2.31 -5.97 9.79
C20 R7V B . 1.89 -4.68 9.97
C21 R7V B . 0.54 -4.40 9.83
C22 R7V B . -1.94 -1.20 6.57
C23 R7V B . -3.02 -0.31 5.98
C24 R7V B . -2.36 0.97 5.46
C25 R7V B . -3.39 1.89 4.82
C26 R7V B . -4.50 2.26 5.82
C27 R7V B . -5.13 0.99 6.41
C28 R7V B . -4.10 0.03 7.03
C29 R7V B . -3.55 0.57 8.35
O30 R7V B . -0.99 -0.71 7.16
F31 R7V B . 3.65 -6.22 9.79
S32 R7V B . -1.90 -5.03 8.81
O33 R7V B . -2.76 -6.17 8.99
O34 R7V B . -2.28 -3.77 9.36
C35 R7V B . 0.48 -10.73 4.74
F36 R7V B . -0.34 -10.35 3.76
F37 R7V B . 1.29 -11.67 4.24
F38 R7V B . -0.26 -11.31 5.69
C39 R7V B . -5.55 3.08 5.12
O40 R7V B . -5.89 2.88 3.96
O41 R7V B . -6.08 4.02 5.86
C42 R7V B . 2.23 -9.93 6.49
F43 R7V B . 1.56 -9.91 7.63
F44 R7V B . 2.71 -11.17 6.33
F45 R7V B . 3.28 -9.12 6.62
C1 GOL C . -5.47 -3.39 10.50
O1 GOL C . -5.75 -4.35 11.51
C2 GOL C . -6.37 -2.19 10.67
O2 GOL C . -5.66 -1.12 11.29
C3 GOL C . -6.93 -1.74 9.34
O3 GOL C . -7.66 -2.80 8.73
#